data_1JWA
#
_entry.id   1JWA
#
_cell.length_a   78.723
_cell.length_b   78.723
_cell.length_c   103.184
_cell.angle_alpha   90.00
_cell.angle_beta   90.00
_cell.angle_gamma   90.00
#
_symmetry.space_group_name_H-M   'P 41 21 2'
#
loop_
_entity.id
_entity.type
_entity.pdbx_description
1 polymer 'MOLYBDOPTERIN BIOSYNTHESIS MOEB PROTEIN'
2 polymer 'MOLYBDOPTERIN [MPT] CONVERTING FACTOR, SUBUNIT 1'
3 non-polymer "ADENOSINE-5'-TRIPHOSPHATE"
#
loop_
_entity_poly.entity_id
_entity_poly.type
_entity_poly.pdbx_seq_one_letter_code
_entity_poly.pdbx_strand_id
1 'polypeptide(L)'
;MAELSDQEMLRYNRQIILRGFDFDGQEALKDSRVLIVGLGGLGCAASQYLASAGVGNLTLLDFDTVSLSNLQRQTLHSDA
TVGQPKVESARDALTRINPHIAITPVNALLDDAELAALIAEHDLVLDCTDNVAVRNQLNAGCFAAKVPLVSGAAIRMEGQ
ITVFTYQDGEPCYRCLSRLFGENALTCVEAGVMAPLIGVIGSLQAMEAIKMLAGYGKPASGKIVMYDAMTCQFREMKLMR
NPGCEVCGQ
;
B
2 'polypeptide(L)'
;MIKVLFFAQVRELVGTDATEVAADFPTVEALRQHMAAQSDRWALALEDGKLLAAVNQTLVSFDHPLTDGDEVAFFPPVTG
G
;
D
#
loop_
_chem_comp.id
_chem_comp.type
_chem_comp.name
_chem_comp.formula
ATP non-polymer ADENOSINE-5'-TRIPHOSPHATE 'C10 H16 N5 O13 P3'
#
# COMPACT_ATOMS: atom_id res chain seq x y z
N ALA A 2 28.14 -0.84 -4.38
CA ALA A 2 28.11 -0.83 -5.86
C ALA A 2 29.00 -1.95 -6.37
N GLU A 3 29.40 -1.84 -7.62
CA GLU A 3 30.31 -2.80 -8.26
C GLU A 3 29.58 -4.11 -8.59
N LEU A 4 29.06 -4.20 -9.81
CA LEU A 4 28.37 -5.38 -10.27
C LEU A 4 29.34 -6.37 -10.88
N SER A 5 29.10 -7.64 -10.68
CA SER A 5 29.93 -8.65 -11.29
C SER A 5 29.47 -8.84 -12.75
N ASP A 6 30.15 -9.74 -13.45
CA ASP A 6 29.80 -9.97 -14.83
C ASP A 6 28.46 -10.63 -14.92
N GLN A 7 28.14 -11.41 -13.87
CA GLN A 7 26.89 -12.18 -13.80
C GLN A 7 25.73 -11.29 -13.39
N GLU A 8 25.99 -10.39 -12.46
CA GLU A 8 24.92 -9.48 -12.08
C GLU A 8 24.61 -8.64 -13.32
N MET A 9 25.66 -8.14 -13.93
CA MET A 9 25.52 -7.27 -15.09
C MET A 9 24.76 -7.93 -16.20
N LEU A 10 24.71 -9.25 -16.24
CA LEU A 10 23.93 -9.91 -17.31
C LEU A 10 22.49 -10.12 -16.89
N ARG A 11 22.29 -10.58 -15.65
CA ARG A 11 20.99 -10.80 -15.12
C ARG A 11 20.20 -9.50 -15.01
N TYR A 12 20.85 -8.40 -14.67
CA TYR A 12 20.14 -7.16 -14.49
C TYR A 12 20.02 -6.29 -15.75
N ASN A 13 20.56 -6.80 -16.86
CA ASN A 13 20.59 -6.10 -18.14
C ASN A 13 19.40 -5.27 -18.54
N ARG A 14 18.24 -5.94 -18.65
CA ARG A 14 16.97 -5.33 -19.11
C ARG A 14 16.60 -4.12 -18.27
N GLN A 15 17.26 -3.98 -17.13
CA GLN A 15 17.06 -2.84 -16.27
C GLN A 15 18.12 -1.80 -16.57
N ILE A 16 19.37 -2.26 -16.62
CA ILE A 16 20.48 -1.37 -16.91
C ILE A 16 20.32 -0.57 -18.19
N ILE A 17 19.78 -1.17 -19.23
CA ILE A 17 19.65 -0.46 -20.50
C ILE A 17 18.54 0.55 -20.55
N LEU A 18 17.78 0.71 -19.46
CA LEU A 18 16.67 1.66 -19.45
C LEU A 18 17.26 3.04 -19.36
N ARG A 19 16.90 3.89 -20.29
CA ARG A 19 17.45 5.26 -20.31
C ARG A 19 17.14 5.95 -18.99
N GLY A 20 18.17 6.53 -18.38
CA GLY A 20 18.03 7.23 -17.12
C GLY A 20 18.40 6.36 -15.94
N PHE A 21 18.43 5.05 -16.14
CA PHE A 21 18.72 4.15 -15.06
C PHE A 21 20.18 3.80 -15.19
N ASP A 22 20.54 3.02 -16.21
CA ASP A 22 21.92 2.66 -16.46
C ASP A 22 22.60 1.97 -15.29
N PHE A 23 23.87 1.66 -15.46
CA PHE A 23 24.68 0.98 -14.43
C PHE A 23 24.53 1.62 -13.05
N ASP A 24 24.45 2.94 -13.05
CA ASP A 24 24.28 3.74 -11.83
C ASP A 24 23.09 3.31 -10.99
N GLY A 25 21.94 3.14 -11.64
CA GLY A 25 20.75 2.74 -10.92
C GLY A 25 20.94 1.38 -10.32
N GLN A 26 21.38 0.46 -11.14
CA GLN A 26 21.56 -0.90 -10.69
C GLN A 26 22.55 -0.95 -9.55
N GLU A 27 23.47 0.01 -9.42
CA GLU A 27 24.41 0.00 -8.28
C GLU A 27 23.76 0.55 -7.02
N ALA A 28 22.86 1.48 -7.21
CA ALA A 28 22.10 2.02 -6.09
C ALA A 28 21.28 0.91 -5.43
N LEU A 29 20.58 0.17 -6.27
CA LEU A 29 19.72 -0.92 -5.81
C LEU A 29 20.49 -1.87 -4.96
N LYS A 30 21.66 -2.28 -5.44
CA LYS A 30 22.53 -3.22 -4.73
C LYS A 30 22.94 -2.71 -3.39
N ASP A 31 23.17 -1.41 -3.31
CA ASP A 31 23.55 -0.75 -2.06
C ASP A 31 22.38 -0.42 -1.09
N SER A 32 21.17 -0.76 -1.47
CA SER A 32 20.04 -0.37 -0.66
C SER A 32 19.70 -1.35 0.46
N ARG A 33 19.12 -0.81 1.51
CA ARG A 33 18.73 -1.57 2.66
C ARG A 33 17.31 -1.21 2.89
N VAL A 34 16.40 -2.03 2.41
CA VAL A 34 14.96 -1.85 2.54
C VAL A 34 14.36 -2.72 3.64
N LEU A 35 13.34 -2.22 4.35
CA LEU A 35 12.66 -2.97 5.41
C LEU A 35 11.17 -3.16 5.06
N ILE A 36 10.77 -4.43 4.98
CA ILE A 36 9.41 -4.78 4.65
C ILE A 36 8.72 -5.24 5.90
N VAL A 37 7.65 -4.57 6.30
CA VAL A 37 6.88 -4.95 7.47
C VAL A 37 5.55 -5.59 7.09
N GLY A 38 5.48 -6.91 7.24
CA GLY A 38 4.27 -7.67 6.94
C GLY A 38 4.43 -8.56 5.75
N LEU A 39 4.91 -9.75 5.96
CA LEU A 39 5.09 -10.66 4.87
C LEU A 39 3.84 -11.48 4.61
N GLY A 40 2.69 -10.84 4.53
CA GLY A 40 1.44 -11.50 4.22
C GLY A 40 1.08 -11.32 2.74
N GLY A 41 -0.17 -11.03 2.45
CA GLY A 41 -0.65 -10.82 1.11
C GLY A 41 0.15 -9.84 0.32
N LEU A 42 0.29 -8.62 0.81
CA LEU A 42 1.10 -7.62 0.09
C LEU A 42 2.62 -7.80 0.31
N GLY A 43 3.04 -8.00 1.53
CA GLY A 43 4.46 -8.16 1.71
C GLY A 43 5.03 -9.18 0.75
N CYS A 44 4.25 -10.23 0.45
CA CYS A 44 4.71 -11.30 -0.44
C CYS A 44 4.78 -10.81 -1.86
N ALA A 45 3.82 -10.04 -2.29
CA ALA A 45 3.79 -9.57 -3.69
C ALA A 45 4.92 -8.62 -3.99
N ALA A 46 5.16 -7.73 -3.05
CA ALA A 46 6.15 -6.68 -3.25
C ALA A 46 7.52 -7.19 -3.13
N SER A 47 7.79 -8.11 -2.25
CA SER A 47 9.17 -8.55 -2.09
C SER A 47 9.68 -9.39 -3.26
N GLN A 48 8.80 -10.16 -3.84
CA GLN A 48 9.22 -10.98 -4.95
C GLN A 48 9.87 -10.13 -6.05
N TYR A 49 9.45 -8.89 -6.27
CA TYR A 49 10.00 -8.05 -7.32
C TYR A 49 11.08 -7.13 -6.80
N LEU A 50 11.14 -6.93 -5.51
CA LEU A 50 12.24 -6.12 -4.98
C LEU A 50 13.54 -6.98 -5.01
N ALA A 51 13.32 -8.27 -4.91
CA ALA A 51 14.36 -9.26 -4.90
C ALA A 51 14.93 -9.55 -6.28
N SER A 52 14.03 -9.79 -7.21
CA SER A 52 14.43 -10.08 -8.57
C SER A 52 15.04 -8.85 -9.24
N ALA A 53 14.56 -7.69 -8.86
CA ALA A 53 15.09 -6.48 -9.45
C ALA A 53 16.52 -6.23 -8.96
N GLY A 54 16.80 -6.63 -7.70
CA GLY A 54 18.14 -6.48 -7.14
C GLY A 54 18.44 -5.66 -5.87
N VAL A 55 17.47 -5.37 -5.03
CA VAL A 55 17.77 -4.59 -3.87
C VAL A 55 18.58 -5.48 -3.01
N GLY A 56 19.82 -5.11 -2.82
CA GLY A 56 20.77 -5.92 -2.12
C GLY A 56 20.47 -6.42 -0.72
N ASN A 57 19.76 -5.65 0.07
CA ASN A 57 19.55 -6.06 1.42
C ASN A 57 18.13 -5.88 1.80
N LEU A 58 17.47 -6.94 2.23
CA LEU A 58 16.07 -6.86 2.66
C LEU A 58 15.85 -7.48 4.02
N THR A 59 14.95 -6.91 4.80
CA THR A 59 14.68 -7.39 6.16
C THR A 59 13.26 -7.61 6.27
N LEU A 60 12.91 -8.86 6.54
CA LEU A 60 11.53 -9.32 6.67
C LEU A 60 11.10 -9.26 8.13
N LEU A 61 10.00 -8.54 8.39
CA LEU A 61 9.47 -8.37 9.75
C LEU A 61 8.01 -8.75 9.86
N ASP A 62 7.78 -9.89 10.52
CA ASP A 62 6.44 -10.40 10.75
C ASP A 62 6.53 -11.40 11.87
N PHE A 63 5.48 -11.47 12.69
CA PHE A 63 5.43 -12.42 13.82
C PHE A 63 4.56 -13.60 13.59
N ASP A 64 3.76 -13.63 12.51
CA ASP A 64 2.82 -14.72 12.23
C ASP A 64 3.35 -15.98 11.55
N THR A 65 2.50 -16.97 11.39
CA THR A 65 2.91 -18.22 10.73
C THR A 65 2.07 -18.44 9.53
N VAL A 66 2.54 -19.31 8.64
CA VAL A 66 1.81 -19.62 7.38
C VAL A 66 0.62 -20.51 7.67
N SER A 67 -0.40 -20.37 6.83
CA SER A 67 -1.60 -21.15 7.00
C SER A 67 -2.26 -21.44 5.65
N LEU A 68 -3.19 -22.40 5.64
CA LEU A 68 -3.87 -22.80 4.42
C LEU A 68 -4.49 -21.61 3.71
N SER A 69 -5.49 -21.00 4.31
CA SER A 69 -6.16 -19.85 3.77
C SER A 69 -5.22 -18.89 3.05
N ASN A 70 -4.04 -18.64 3.59
CA ASN A 70 -3.06 -17.74 3.00
C ASN A 70 -2.57 -18.13 1.63
N LEU A 71 -2.70 -19.42 1.31
CA LEU A 71 -2.25 -20.00 0.06
C LEU A 71 -3.14 -19.71 -1.13
N GLN A 72 -4.13 -18.84 -0.94
CA GLN A 72 -5.02 -18.42 -2.03
C GLN A 72 -4.42 -17.20 -2.67
N ARG A 73 -3.43 -16.61 -2.03
CA ARG A 73 -2.85 -15.39 -2.54
C ARG A 73 -1.39 -15.17 -2.23
N GLN A 74 -0.87 -15.73 -1.17
CA GLN A 74 0.54 -15.52 -0.82
C GLN A 74 1.39 -16.53 -1.53
N THR A 75 1.78 -16.26 -2.75
CA THR A 75 2.55 -17.17 -3.57
C THR A 75 3.91 -17.60 -3.03
N LEU A 76 4.54 -16.77 -2.22
CA LEU A 76 5.86 -17.09 -1.65
C LEU A 76 5.83 -18.28 -0.72
N HIS A 77 4.67 -18.57 -0.11
CA HIS A 77 4.47 -19.67 0.85
C HIS A 77 3.92 -20.88 0.17
N SER A 78 3.93 -22.03 0.85
CA SER A 78 3.42 -23.28 0.28
C SER A 78 2.90 -24.24 1.31
N ASP A 79 2.18 -25.25 0.86
CA ASP A 79 1.61 -26.25 1.76
C ASP A 79 2.74 -26.83 2.62
N ALA A 80 3.86 -27.12 2.03
CA ALA A 80 4.94 -27.68 2.80
C ALA A 80 5.43 -26.77 3.91
N THR A 81 5.21 -25.45 3.80
CA THR A 81 5.63 -24.49 4.85
C THR A 81 4.51 -24.05 5.84
N VAL A 82 3.32 -24.60 5.70
CA VAL A 82 2.23 -24.24 6.59
C VAL A 82 2.69 -24.48 8.02
N GLY A 83 2.49 -23.52 8.89
CA GLY A 83 2.91 -23.68 10.25
C GLY A 83 4.19 -22.98 10.54
N GLN A 84 5.12 -23.08 9.63
CA GLN A 84 6.42 -22.39 9.76
C GLN A 84 6.16 -20.87 9.82
N PRO A 85 7.05 -20.09 10.42
CA PRO A 85 6.81 -18.66 10.44
C PRO A 85 6.99 -18.06 9.06
N LYS A 86 6.29 -16.97 8.83
CA LYS A 86 6.28 -16.34 7.52
C LYS A 86 7.57 -15.73 7.07
N VAL A 87 8.34 -15.16 7.99
CA VAL A 87 9.65 -14.56 7.61
C VAL A 87 10.61 -15.58 7.02
N GLU A 88 10.53 -16.79 7.55
CA GLU A 88 11.38 -17.88 7.10
C GLU A 88 10.93 -18.55 5.80
N SER A 89 9.65 -18.85 5.69
CA SER A 89 9.05 -19.40 4.47
C SER A 89 9.39 -18.45 3.28
N ALA A 90 9.26 -17.17 3.56
CA ALA A 90 9.51 -16.13 2.61
C ALA A 90 10.95 -15.95 2.25
N ARG A 91 11.78 -15.92 3.24
CA ARG A 91 13.19 -15.83 2.96
C ARG A 91 13.63 -16.99 2.02
N ASP A 92 13.23 -18.20 2.33
CA ASP A 92 13.62 -19.33 1.51
C ASP A 92 13.19 -19.14 0.05
N ALA A 93 11.94 -18.80 -0.16
CA ALA A 93 11.45 -18.67 -1.52
C ALA A 93 12.21 -17.53 -2.24
N LEU A 94 12.46 -16.46 -1.48
CA LEU A 94 13.11 -15.25 -2.02
C LEU A 94 14.53 -15.47 -2.39
N THR A 95 15.26 -16.22 -1.60
CA THR A 95 16.63 -16.46 -1.95
C THR A 95 16.78 -17.41 -3.15
N ARG A 96 15.70 -18.08 -3.50
CA ARG A 96 15.63 -18.92 -4.66
C ARG A 96 15.51 -18.00 -5.84
N ILE A 97 14.73 -16.94 -5.71
CA ILE A 97 14.53 -15.99 -6.77
C ILE A 97 15.79 -15.26 -7.03
N ASN A 98 16.54 -14.89 -5.99
CA ASN A 98 17.84 -14.22 -6.18
C ASN A 98 18.87 -14.54 -5.11
N PRO A 99 19.83 -15.42 -5.44
CA PRO A 99 20.89 -15.82 -4.52
C PRO A 99 21.94 -14.75 -4.39
N HIS A 100 21.76 -13.64 -5.05
CA HIS A 100 22.73 -12.56 -4.97
C HIS A 100 22.53 -11.54 -3.82
N ILE A 101 21.29 -11.39 -3.34
CA ILE A 101 20.94 -10.42 -2.27
C ILE A 101 21.05 -11.02 -0.87
N ALA A 102 21.11 -10.16 0.13
CA ALA A 102 21.20 -10.55 1.49
C ALA A 102 19.86 -10.34 2.16
N ILE A 103 19.27 -11.46 2.60
CA ILE A 103 17.97 -11.46 3.26
C ILE A 103 18.03 -11.77 4.75
N THR A 104 17.44 -10.95 5.60
CA THR A 104 17.44 -11.11 7.05
C THR A 104 16.04 -11.19 7.59
N PRO A 105 15.65 -12.33 8.15
CA PRO A 105 14.30 -12.49 8.68
C PRO A 105 14.22 -12.10 10.14
N VAL A 106 13.10 -11.54 10.60
CA VAL A 106 12.97 -11.15 12.01
C VAL A 106 11.59 -11.51 12.54
N ASN A 107 11.51 -12.71 13.05
CA ASN A 107 10.31 -13.29 13.63
C ASN A 107 9.89 -12.64 14.95
N ALA A 108 9.12 -11.56 14.89
CA ALA A 108 8.77 -10.89 16.13
C ALA A 108 7.69 -9.86 16.04
N LEU A 109 7.42 -9.21 17.18
CA LEU A 109 6.47 -8.10 17.25
C LEU A 109 7.13 -6.94 18.03
N LEU A 110 7.95 -6.15 17.37
CA LEU A 110 8.73 -5.11 18.07
C LEU A 110 7.81 -4.04 18.55
N ASP A 111 8.25 -3.29 19.56
CA ASP A 111 7.50 -2.19 20.11
C ASP A 111 8.05 -0.91 19.50
N ASP A 112 7.59 0.24 19.96
CA ASP A 112 8.07 1.50 19.42
C ASP A 112 9.61 1.73 19.55
N ALA A 113 10.15 1.48 20.70
CA ALA A 113 11.58 1.67 20.89
C ALA A 113 12.34 0.84 19.83
N GLU A 114 11.91 -0.40 19.64
CA GLU A 114 12.62 -1.27 18.73
C GLU A 114 12.39 -0.98 17.27
N LEU A 115 11.17 -0.59 16.89
CA LEU A 115 10.94 -0.23 15.48
C LEU A 115 11.85 0.94 15.12
N ALA A 116 11.77 1.97 15.93
CA ALA A 116 12.59 3.14 15.79
C ALA A 116 14.06 2.85 15.54
N ALA A 117 14.65 1.93 16.29
CA ALA A 117 16.06 1.65 16.09
C ALA A 117 16.27 1.04 14.74
N LEU A 118 15.36 0.12 14.37
CA LEU A 118 15.38 -0.65 13.12
C LEU A 118 15.23 0.23 11.89
N ILE A 119 14.26 1.13 11.94
CA ILE A 119 13.99 2.06 10.85
C ILE A 119 15.20 2.90 10.50
N ALA A 120 15.79 3.49 11.51
CA ALA A 120 16.93 4.33 11.34
C ALA A 120 18.06 3.56 10.72
N GLU A 121 17.92 2.24 10.58
CA GLU A 121 18.94 1.41 9.98
C GLU A 121 18.72 1.16 8.49
N HIS A 122 17.64 1.65 7.90
CA HIS A 122 17.38 1.42 6.49
C HIS A 122 17.20 2.71 5.70
N ASP A 123 17.05 2.60 4.41
CA ASP A 123 16.90 3.74 3.59
C ASP A 123 15.45 3.99 3.17
N LEU A 124 14.60 2.99 3.41
CA LEU A 124 13.20 2.98 2.98
C LEU A 124 12.43 1.87 3.67
N VAL A 125 11.18 2.13 4.03
CA VAL A 125 10.35 1.11 4.64
C VAL A 125 9.06 0.78 3.82
N LEU A 126 8.58 -0.46 3.92
CA LEU A 126 7.38 -0.85 3.20
C LEU A 126 6.34 -1.27 4.20
N ASP A 127 5.24 -0.50 4.24
CA ASP A 127 4.12 -0.80 5.08
C ASP A 127 3.24 -1.84 4.40
N CYS A 128 3.35 -3.08 4.86
CA CYS A 128 2.60 -4.16 4.29
C CYS A 128 1.76 -4.86 5.34
N THR A 129 1.32 -4.08 6.35
CA THR A 129 0.52 -4.57 7.47
C THR A 129 -1.00 -4.45 7.30
N ASP A 130 -1.76 -4.84 8.31
CA ASP A 130 -3.23 -4.82 8.22
C ASP A 130 -3.95 -4.08 9.34
N ASN A 131 -3.23 -3.32 10.16
CA ASN A 131 -3.85 -2.57 11.23
C ASN A 131 -3.17 -1.23 11.56
N VAL A 132 -4.02 -0.24 11.79
CA VAL A 132 -3.61 1.11 12.08
C VAL A 132 -2.69 1.27 13.29
N ALA A 133 -2.67 0.28 14.18
CA ALA A 133 -1.78 0.29 15.34
C ALA A 133 -0.37 0.36 14.79
N VAL A 134 -0.03 -0.64 13.98
CA VAL A 134 1.30 -0.74 13.40
C VAL A 134 1.54 0.36 12.39
N ARG A 135 0.59 0.54 11.49
CA ARG A 135 0.79 1.53 10.48
C ARG A 135 1.17 2.85 11.15
N ASN A 136 0.62 3.14 12.35
CA ASN A 136 0.90 4.42 13.03
C ASN A 136 2.30 4.48 13.61
N GLN A 137 2.73 3.39 14.18
CA GLN A 137 4.09 3.34 14.71
C GLN A 137 5.04 3.64 13.56
N LEU A 138 4.84 2.96 12.46
CA LEU A 138 5.68 3.13 11.30
C LEU A 138 5.74 4.58 10.87
N ASN A 139 4.58 5.16 10.61
CA ASN A 139 4.51 6.52 10.14
C ASN A 139 5.21 7.43 11.09
N ALA A 140 5.11 7.08 12.37
CA ALA A 140 5.75 7.83 13.44
C ALA A 140 7.28 7.71 13.33
N GLY A 141 7.78 6.51 13.47
CA GLY A 141 9.22 6.31 13.37
C GLY A 141 9.87 6.83 12.09
N CYS A 142 9.23 6.57 10.95
CA CYS A 142 9.73 7.03 9.68
C CYS A 142 9.86 8.53 9.63
N PHE A 143 8.87 9.21 10.17
CA PHE A 143 8.88 10.68 10.18
C PHE A 143 9.99 11.22 11.09
N ALA A 144 10.15 10.60 12.26
CA ALA A 144 11.21 10.98 13.17
C ALA A 144 12.61 10.81 12.56
N ALA A 145 12.89 9.69 11.99
CA ALA A 145 14.20 9.50 11.40
C ALA A 145 14.29 10.10 10.03
N LYS A 146 13.13 10.42 9.47
CA LYS A 146 13.04 10.92 8.10
C LYS A 146 13.45 9.87 7.07
N VAL A 147 12.79 8.71 7.13
CA VAL A 147 13.03 7.63 6.20
C VAL A 147 11.76 7.44 5.39
N PRO A 148 11.87 7.48 4.07
CA PRO A 148 10.71 7.30 3.18
C PRO A 148 9.83 6.09 3.47
N LEU A 149 8.52 6.29 3.33
CA LEU A 149 7.54 5.23 3.59
C LEU A 149 6.67 4.98 2.39
N VAL A 150 6.71 3.76 1.89
CA VAL A 150 5.86 3.36 0.79
C VAL A 150 4.77 2.48 1.44
N SER A 151 3.61 3.08 1.64
CA SER A 151 2.51 2.42 2.31
C SER A 151 1.40 2.00 1.35
N GLY A 152 0.88 0.78 1.58
CA GLY A 152 -0.21 0.29 0.75
C GLY A 152 -1.23 -0.53 1.50
N ALA A 153 -2.41 -0.69 0.93
CA ALA A 153 -3.41 -1.54 1.58
C ALA A 153 -4.42 -2.09 0.56
N ALA A 154 -5.08 -3.19 0.94
CA ALA A 154 -6.05 -3.83 0.07
C ALA A 154 -7.01 -4.72 0.83
N ILE A 155 -8.24 -4.78 0.37
CA ILE A 155 -9.22 -5.65 1.00
C ILE A 155 -10.36 -5.78 0.03
N ARG A 156 -11.05 -6.92 0.06
CA ARG A 156 -12.19 -7.13 -0.86
C ARG A 156 -11.79 -6.92 -2.34
N MET A 157 -12.15 -5.78 -2.92
CA MET A 157 -11.79 -5.50 -4.29
C MET A 157 -11.27 -4.06 -4.38
N GLU A 158 -10.59 -3.60 -3.35
CA GLU A 158 -10.12 -2.24 -3.33
C GLU A 158 -8.70 -2.06 -2.77
N GLY A 159 -7.91 -1.25 -3.46
CA GLY A 159 -6.55 -0.99 -3.03
C GLY A 159 -6.18 0.50 -2.99
N GLN A 160 -5.07 0.77 -2.32
CA GLN A 160 -4.57 2.12 -2.17
C GLN A 160 -3.08 2.05 -2.05
N ILE A 161 -2.41 3.10 -2.48
CA ILE A 161 -0.96 3.17 -2.35
C ILE A 161 -0.61 4.65 -2.12
N THR A 162 0.31 4.93 -1.21
CA THR A 162 0.73 6.31 -0.92
C THR A 162 2.16 6.32 -0.52
N VAL A 163 2.83 7.41 -0.90
CA VAL A 163 4.23 7.62 -0.58
C VAL A 163 4.46 8.82 0.39
N PHE A 164 5.42 8.66 1.33
CA PHE A 164 5.77 9.70 2.30
C PHE A 164 7.26 9.99 2.33
N THR A 165 7.64 11.09 1.69
CA THR A 165 9.02 11.54 1.62
C THR A 165 9.36 12.37 2.83
N TYR A 166 8.32 12.90 3.46
CA TYR A 166 8.43 13.72 4.69
C TYR A 166 9.06 15.13 4.52
N GLU A 189 -14.58 -12.15 8.53
CA GLU A 189 -13.74 -11.08 8.00
C GLU A 189 -14.29 -10.55 6.67
N ALA A 190 -13.46 -9.83 5.90
CA ALA A 190 -13.83 -9.38 4.56
C ALA A 190 -12.97 -10.22 3.60
N GLY A 191 -13.52 -10.65 2.50
CA GLY A 191 -12.72 -11.44 1.63
C GLY A 191 -11.63 -10.63 1.01
N VAL A 192 -11.05 -11.19 -0.04
CA VAL A 192 -10.07 -10.49 -0.87
C VAL A 192 -9.66 -11.33 -2.11
N MET A 193 -9.94 -10.81 -3.32
CA MET A 193 -9.59 -11.48 -4.59
C MET A 193 -8.05 -11.56 -4.73
N ALA A 194 -7.53 -12.74 -5.00
CA ALA A 194 -6.07 -12.94 -5.06
C ALA A 194 -5.27 -11.89 -5.89
N PRO A 195 -5.59 -11.71 -7.15
CA PRO A 195 -4.85 -10.76 -7.96
C PRO A 195 -4.85 -9.31 -7.46
N LEU A 196 -5.70 -8.88 -6.54
CA LEU A 196 -5.72 -7.47 -6.07
C LEU A 196 -4.48 -7.13 -5.25
N ILE A 197 -4.03 -8.09 -4.51
CA ILE A 197 -2.89 -7.91 -3.66
C ILE A 197 -1.68 -7.79 -4.58
N GLY A 198 -1.77 -8.34 -5.80
CA GLY A 198 -0.68 -8.31 -6.77
C GLY A 198 -0.51 -6.97 -7.46
N VAL A 199 -1.64 -6.38 -7.79
CA VAL A 199 -1.67 -5.07 -8.38
C VAL A 199 -1.03 -4.10 -7.40
N ILE A 200 -1.56 -4.05 -6.19
CA ILE A 200 -1.09 -3.09 -5.21
C ILE A 200 0.33 -3.43 -4.79
N GLY A 201 0.61 -4.71 -4.58
CA GLY A 201 1.94 -5.08 -4.15
C GLY A 201 3.02 -4.68 -5.14
N SER A 202 2.81 -4.97 -6.41
CA SER A 202 3.79 -4.60 -7.43
C SER A 202 3.87 -3.09 -7.56
N LEU A 203 2.81 -2.36 -7.20
CA LEU A 203 2.88 -0.89 -7.26
C LEU A 203 3.92 -0.40 -6.23
N GLN A 204 3.81 -0.95 -5.02
CA GLN A 204 4.71 -0.60 -3.98
C GLN A 204 6.14 -0.84 -4.46
N ALA A 205 6.45 -2.08 -4.84
CA ALA A 205 7.82 -2.45 -5.24
C ALA A 205 8.38 -1.49 -6.31
N MET A 206 7.49 -0.94 -7.13
CA MET A 206 7.89 0.00 -8.17
C MET A 206 8.33 1.32 -7.53
N GLU A 207 7.43 1.90 -6.76
CA GLU A 207 7.70 3.15 -6.08
C GLU A 207 8.93 3.08 -5.22
N ALA A 208 9.19 1.93 -4.62
CA ALA A 208 10.37 1.81 -3.76
C ALA A 208 11.66 2.02 -4.55
N ILE A 209 11.70 1.35 -5.72
CA ILE A 209 12.83 1.39 -6.66
C ILE A 209 13.03 2.77 -7.22
N LYS A 210 11.90 3.42 -7.47
CA LYS A 210 11.90 4.80 -7.91
C LYS A 210 12.64 5.68 -6.90
N MET A 211 12.28 5.57 -5.65
CA MET A 211 12.92 6.38 -4.62
C MET A 211 14.41 6.05 -4.51
N LEU A 212 14.72 4.75 -4.37
CA LEU A 212 16.06 4.25 -4.18
C LEU A 212 17.06 4.74 -5.25
N ALA A 213 16.64 4.87 -6.48
CA ALA A 213 17.58 5.26 -7.48
C ALA A 213 17.38 6.65 -8.04
N GLY A 214 16.41 7.36 -7.49
CA GLY A 214 16.09 8.69 -7.98
C GLY A 214 15.60 8.68 -9.41
N TYR A 215 14.90 7.59 -9.79
CA TYR A 215 14.37 7.42 -11.15
C TYR A 215 12.93 7.79 -11.10
N GLY A 216 12.46 8.54 -12.09
CA GLY A 216 11.08 8.97 -12.13
C GLY A 216 10.66 9.91 -11.01
N LYS A 217 9.35 10.22 -10.97
CA LYS A 217 8.77 11.10 -9.98
C LYS A 217 7.85 10.30 -9.05
N PRO A 218 8.12 10.34 -7.75
CA PRO A 218 7.36 9.58 -6.73
C PRO A 218 5.91 10.01 -6.56
N ALA A 219 5.11 9.12 -5.99
CA ALA A 219 3.70 9.34 -5.76
C ALA A 219 3.43 9.88 -4.35
N SER A 220 4.30 10.74 -3.88
CA SER A 220 4.04 11.31 -2.58
C SER A 220 3.10 12.43 -2.86
N GLY A 221 2.31 12.81 -1.86
CA GLY A 221 1.38 13.93 -1.98
C GLY A 221 0.00 13.55 -2.51
N LYS A 222 -0.27 12.24 -2.51
CA LYS A 222 -1.54 11.74 -3.00
C LYS A 222 -1.75 10.26 -2.70
N ILE A 223 -2.96 9.81 -2.95
CA ILE A 223 -3.36 8.43 -2.78
C ILE A 223 -3.91 7.96 -4.11
N VAL A 224 -3.34 6.89 -4.63
CA VAL A 224 -3.85 6.30 -5.86
C VAL A 224 -4.72 5.18 -5.40
N MET A 225 -5.99 5.23 -5.74
CA MET A 225 -6.96 4.22 -5.33
C MET A 225 -7.29 3.40 -6.54
N TYR A 226 -7.50 2.10 -6.34
CA TYR A 226 -7.78 1.16 -7.45
C TYR A 226 -9.03 0.45 -7.14
N ASP A 227 -10.01 0.55 -8.04
CA ASP A 227 -11.31 -0.12 -7.89
C ASP A 227 -11.40 -1.27 -8.81
N ALA A 228 -11.17 -2.45 -8.29
CA ALA A 228 -11.16 -3.71 -9.06
C ALA A 228 -12.51 -4.01 -9.67
N MET A 229 -13.56 -3.86 -8.91
CA MET A 229 -14.87 -4.18 -9.43
C MET A 229 -15.07 -3.53 -10.78
N THR A 230 -14.60 -2.29 -10.98
CA THR A 230 -14.78 -1.62 -12.28
C THR A 230 -13.48 -1.37 -13.06
N CYS A 231 -12.36 -1.60 -12.42
CA CYS A 231 -11.07 -1.37 -13.04
C CYS A 231 -10.90 0.09 -13.35
N GLN A 232 -10.95 0.94 -12.35
CA GLN A 232 -10.74 2.36 -12.52
C GLN A 232 -9.74 2.84 -11.47
N PHE A 233 -9.00 3.87 -11.79
CA PHE A 233 -7.98 4.37 -10.88
C PHE A 233 -8.26 5.82 -10.57
N ARG A 234 -8.20 6.24 -9.33
CA ARG A 234 -8.43 7.65 -9.01
C ARG A 234 -7.24 8.24 -8.26
N GLU A 235 -7.01 9.54 -8.42
CA GLU A 235 -5.93 10.22 -7.71
C GLU A 235 -6.55 11.29 -6.82
N MET A 236 -6.24 11.30 -5.54
CA MET A 236 -6.77 12.32 -4.65
C MET A 236 -5.67 12.99 -3.81
N LYS A 237 -5.59 14.32 -3.99
CA LYS A 237 -4.64 15.21 -3.31
C LYS A 237 -4.76 15.17 -1.81
N LEU A 238 -3.58 15.13 -1.20
CA LEU A 238 -3.46 15.06 0.24
C LEU A 238 -3.25 16.45 0.89
N MET A 239 -3.68 16.61 2.14
CA MET A 239 -3.53 17.87 2.86
C MET A 239 -3.02 17.73 4.31
N ARG A 240 -2.15 18.66 4.72
CA ARG A 240 -1.57 18.70 6.09
C ARG A 240 -2.43 19.53 7.07
N MET B 1 -24.67 20.90 -10.29
CA MET B 1 -25.29 20.97 -8.92
C MET B 1 -24.32 20.46 -7.85
N ILE B 2 -24.63 19.27 -7.32
CA ILE B 2 -23.79 18.59 -6.35
C ILE B 2 -23.54 17.14 -6.79
N LYS B 3 -22.56 16.94 -7.66
CA LYS B 3 -22.21 15.61 -8.16
C LYS B 3 -21.60 14.72 -7.08
N VAL B 4 -22.46 13.98 -6.36
CA VAL B 4 -22.03 13.06 -5.32
C VAL B 4 -21.68 11.73 -5.95
N LEU B 5 -20.39 11.42 -6.03
CA LEU B 5 -19.96 10.14 -6.59
C LEU B 5 -19.73 9.08 -5.52
N PHE B 6 -19.82 7.82 -5.94
CA PHE B 6 -19.62 6.68 -5.04
C PHE B 6 -18.61 5.69 -5.64
N PHE B 7 -17.68 5.27 -4.81
CA PHE B 7 -16.64 4.32 -5.22
C PHE B 7 -16.55 3.07 -4.35
N ALA B 8 -16.09 2.00 -4.97
CA ALA B 8 -15.87 0.72 -4.30
C ALA B 8 -17.11 0.19 -3.59
N GLN B 9 -16.89 -0.42 -2.44
CA GLN B 9 -17.95 -1.02 -1.67
C GLN B 9 -19.09 -0.06 -1.42
N VAL B 10 -18.79 1.22 -1.23
CA VAL B 10 -19.86 2.17 -0.99
C VAL B 10 -20.83 2.14 -2.16
N ARG B 11 -20.34 2.30 -3.38
CA ARG B 11 -21.22 2.28 -4.54
C ARG B 11 -21.92 0.94 -4.63
N GLU B 12 -21.21 -0.10 -4.25
CA GLU B 12 -21.78 -1.44 -4.29
C GLU B 12 -23.08 -1.49 -3.50
N LEU B 13 -23.06 -1.05 -2.24
CA LEU B 13 -24.19 -1.11 -1.32
C LEU B 13 -25.36 -0.19 -1.68
N VAL B 14 -25.05 0.97 -2.24
CA VAL B 14 -26.05 1.95 -2.55
C VAL B 14 -26.63 1.73 -3.92
N GLY B 15 -26.00 0.87 -4.72
CA GLY B 15 -26.50 0.56 -6.05
C GLY B 15 -26.45 1.65 -7.13
N THR B 16 -25.82 2.78 -6.86
CA THR B 16 -25.70 3.83 -7.88
C THR B 16 -24.27 4.34 -7.82
N ASP B 17 -23.76 4.90 -8.91
CA ASP B 17 -22.37 5.37 -8.96
C ASP B 17 -22.24 6.85 -8.63
N ALA B 18 -23.25 7.60 -9.02
CA ALA B 18 -23.30 9.04 -8.85
C ALA B 18 -24.76 9.52 -8.63
N THR B 19 -24.91 10.69 -8.05
CA THR B 19 -26.25 11.23 -7.79
C THR B 19 -26.22 12.74 -7.55
N GLU B 20 -27.02 13.47 -8.31
CA GLU B 20 -27.08 14.92 -8.13
C GLU B 20 -28.05 15.21 -7.01
N VAL B 21 -27.68 16.11 -6.11
CA VAL B 21 -28.57 16.44 -5.01
C VAL B 21 -28.65 17.95 -4.78
N ALA B 22 -29.80 18.38 -4.27
CA ALA B 22 -30.05 19.79 -3.99
C ALA B 22 -29.15 20.37 -2.87
N ALA B 23 -28.52 21.50 -3.18
CA ALA B 23 -27.63 22.17 -2.24
C ALA B 23 -28.34 22.40 -0.91
N ASP B 24 -27.74 21.96 0.20
CA ASP B 24 -28.39 22.15 1.50
C ASP B 24 -27.60 21.55 2.66
N PHE B 25 -26.26 21.52 2.54
CA PHE B 25 -25.45 20.93 3.62
C PHE B 25 -24.25 21.81 3.91
N PRO B 26 -24.20 22.40 5.10
CA PRO B 26 -23.08 23.27 5.51
C PRO B 26 -21.72 22.51 5.51
N THR B 27 -21.70 21.44 6.29
CA THR B 27 -20.54 20.59 6.39
C THR B 27 -20.75 19.32 5.57
N VAL B 28 -19.65 18.64 5.29
CA VAL B 28 -19.67 17.39 4.58
C VAL B 28 -20.45 16.45 5.44
N GLU B 29 -20.35 16.64 6.74
CA GLU B 29 -21.04 15.81 7.72
C GLU B 29 -22.54 16.00 7.62
N ALA B 30 -22.97 17.17 7.17
CA ALA B 30 -24.40 17.47 6.96
C ALA B 30 -24.99 16.52 5.90
N LEU B 31 -24.33 16.45 4.75
CA LEU B 31 -24.74 15.54 3.70
C LEU B 31 -24.64 14.07 4.17
N ARG B 32 -23.60 13.76 4.95
CA ARG B 32 -23.37 12.40 5.45
C ARG B 32 -24.60 11.76 6.13
N GLN B 33 -25.32 12.58 6.89
CA GLN B 33 -26.48 12.10 7.61
C GLN B 33 -27.77 12.02 6.76
N HIS B 34 -27.97 13.00 5.88
CA HIS B 34 -29.14 13.00 5.05
C HIS B 34 -29.18 11.70 4.28
N MET B 35 -28.14 11.46 3.51
CA MET B 35 -28.03 10.28 2.68
C MET B 35 -28.13 8.99 3.49
N ALA B 36 -27.54 8.98 4.67
CA ALA B 36 -27.51 7.79 5.55
C ALA B 36 -28.88 7.49 6.15
N ALA B 37 -29.73 8.51 6.20
CA ALA B 37 -31.06 8.35 6.75
C ALA B 37 -32.04 7.74 5.78
N GLN B 38 -31.62 7.52 4.53
CA GLN B 38 -32.50 6.97 3.49
C GLN B 38 -33.02 5.56 3.80
N SER B 39 -32.12 4.67 4.24
CA SER B 39 -32.48 3.30 4.57
C SER B 39 -31.36 2.66 5.41
N ASP B 40 -31.64 1.46 5.89
CA ASP B 40 -30.68 0.68 6.68
C ASP B 40 -29.45 0.38 5.81
N ARG B 41 -29.69 0.10 4.53
CA ARG B 41 -28.62 -0.18 3.60
C ARG B 41 -27.79 1.09 3.40
N TRP B 42 -28.47 2.22 3.34
CA TRP B 42 -27.77 3.50 3.15
C TRP B 42 -27.07 3.88 4.47
N ALA B 43 -27.75 3.57 5.57
CA ALA B 43 -27.22 3.88 6.89
C ALA B 43 -25.86 3.22 7.03
N LEU B 44 -25.80 1.94 6.65
CA LEU B 44 -24.57 1.15 6.77
C LEU B 44 -23.53 1.57 5.74
N ALA B 45 -23.97 1.74 4.50
CA ALA B 45 -23.06 2.13 3.45
C ALA B 45 -22.37 3.39 3.80
N LEU B 46 -23.09 4.33 4.40
CA LEU B 46 -22.51 5.61 4.78
C LEU B 46 -22.33 5.76 6.28
N GLU B 47 -22.17 4.64 6.97
CA GLU B 47 -21.98 4.66 8.42
C GLU B 47 -20.75 5.46 8.83
N ASP B 48 -20.93 6.26 9.87
CA ASP B 48 -19.84 7.07 10.37
C ASP B 48 -18.73 6.17 10.90
N GLY B 49 -17.49 6.62 10.73
CA GLY B 49 -16.33 5.87 11.17
C GLY B 49 -15.75 4.99 10.08
N LYS B 50 -16.62 4.47 9.23
CA LYS B 50 -16.23 3.60 8.13
C LYS B 50 -16.36 4.28 6.76
N LEU B 51 -16.17 5.60 6.68
CA LEU B 51 -16.29 6.32 5.43
C LEU B 51 -15.22 7.39 5.24
N LEU B 52 -14.89 7.69 4.00
CA LEU B 52 -13.89 8.69 3.67
C LEU B 52 -14.48 9.63 2.63
N ALA B 53 -14.29 10.93 2.85
CA ALA B 53 -14.81 11.96 1.95
C ALA B 53 -13.69 12.59 1.15
N ALA B 54 -13.97 12.86 -0.12
CA ALA B 54 -13.03 13.50 -1.04
C ALA B 54 -13.72 14.64 -1.81
N VAL B 55 -13.38 15.89 -1.47
CA VAL B 55 -13.99 17.07 -2.13
C VAL B 55 -13.18 17.71 -3.28
N ASN B 56 -13.62 17.43 -4.50
CA ASN B 56 -13.00 17.98 -5.71
C ASN B 56 -11.54 17.61 -5.94
N GLN B 57 -11.28 16.29 -5.96
CA GLN B 57 -9.95 15.75 -6.20
C GLN B 57 -9.06 15.81 -4.95
N THR B 58 -9.53 16.43 -3.88
CA THR B 58 -8.72 16.56 -2.68
C THR B 58 -9.44 15.92 -1.51
N LEU B 59 -8.70 15.30 -0.60
CA LEU B 59 -9.33 14.72 0.59
C LEU B 59 -9.69 15.85 1.57
N VAL B 60 -10.76 15.67 2.33
CA VAL B 60 -11.19 16.71 3.27
C VAL B 60 -11.80 16.13 4.55
N SER B 61 -11.79 16.96 5.59
CA SER B 61 -12.38 16.59 6.88
C SER B 61 -13.86 16.48 6.72
N PHE B 62 -14.51 15.76 7.61
CA PHE B 62 -15.95 15.62 7.53
C PHE B 62 -16.57 16.97 7.86
N ASP B 63 -15.91 18.05 7.49
CA ASP B 63 -16.41 19.39 7.80
C ASP B 63 -16.23 20.39 6.67
N HIS B 64 -15.34 20.08 5.76
CA HIS B 64 -15.09 20.97 4.65
C HIS B 64 -16.40 21.67 4.28
N PRO B 65 -16.34 22.92 3.89
CA PRO B 65 -17.53 23.69 3.51
C PRO B 65 -18.06 23.32 2.13
N LEU B 66 -19.33 22.96 2.09
CA LEU B 66 -19.95 22.55 0.83
C LEU B 66 -20.79 23.68 0.25
N THR B 67 -20.53 24.00 -1.02
CA THR B 67 -21.30 25.01 -1.77
C THR B 67 -21.81 24.38 -3.06
N ASP B 68 -22.69 25.08 -3.78
CA ASP B 68 -23.20 24.52 -5.03
C ASP B 68 -22.09 24.36 -6.09
N GLY B 69 -22.15 23.28 -6.86
CA GLY B 69 -21.15 23.01 -7.88
C GLY B 69 -20.12 22.00 -7.40
N ASP B 70 -20.06 21.79 -6.09
CA ASP B 70 -19.12 20.85 -5.50
C ASP B 70 -19.34 19.40 -5.94
N GLU B 71 -18.22 18.67 -6.06
CA GLU B 71 -18.20 17.24 -6.42
C GLU B 71 -17.64 16.46 -5.22
N VAL B 72 -18.50 15.74 -4.53
CA VAL B 72 -18.09 14.97 -3.39
C VAL B 72 -18.19 13.48 -3.72
N ALA B 73 -17.06 12.78 -3.52
CA ALA B 73 -16.97 11.34 -3.74
C ALA B 73 -16.87 10.65 -2.38
N PHE B 74 -17.60 9.55 -2.22
CA PHE B 74 -17.59 8.81 -0.96
C PHE B 74 -17.07 7.36 -1.15
N PHE B 75 -15.87 7.10 -0.68
CA PHE B 75 -15.30 5.76 -0.76
C PHE B 75 -14.87 5.31 0.62
N PRO B 76 -14.76 4.00 0.85
CA PRO B 76 -14.31 3.54 2.17
C PRO B 76 -12.78 3.54 2.32
N PRO B 77 -12.36 3.40 3.55
CA PRO B 77 -10.94 3.34 3.82
C PRO B 77 -10.46 1.87 3.75
N VAL B 78 -9.19 1.70 3.38
CA VAL B 78 -8.60 0.37 3.24
C VAL B 78 -7.42 0.10 4.20
N THR B 79 -7.46 -1.01 4.89
CA THR B 79 -6.31 -1.41 5.72
C THR B 79 -6.34 -2.93 5.61
N GLY B 80 -5.18 -3.53 5.44
CA GLY B 80 -5.12 -4.95 5.28
C GLY B 80 -4.26 -5.17 4.10
N GLY B 81 -3.82 -6.39 3.89
CA GLY B 81 -2.96 -6.73 2.78
C GLY B 81 -1.57 -6.97 3.28
PG ATP C . -5.65 -13.66 6.81
O1G ATP C . -5.76 -13.52 8.21
O2G ATP C . -5.67 -15.08 6.17
O3G ATP C . -6.71 -12.70 6.38
PB ATP C . -2.98 -12.42 6.99
O1B ATP C . -3.12 -11.40 8.05
O2B ATP C . -1.70 -13.17 7.06
O3B ATP C . -4.27 -13.04 6.28
PA ATP C . -2.79 -10.08 5.41
O1A ATP C . -2.07 -9.66 4.29
O2A ATP C . -3.95 -9.21 5.94
O3A ATP C . -2.73 -11.65 5.61
O5' ATP C . -1.73 -9.82 6.49
C5' ATP C . -0.52 -9.29 6.16
C4' ATP C . 0.45 -9.41 7.33
O4' ATP C . 0.75 -8.38 8.22
C3' ATP C . 0.31 -10.72 8.15
O3' ATP C . 0.91 -11.84 7.56
C2' ATP C . 0.44 -10.17 9.54
O2' ATP C . 1.11 -11.15 10.25
C1' ATP C . 1.29 -8.94 9.36
N9 ATP C . 1.36 -7.98 10.51
C8 ATP C . 0.35 -7.30 11.12
N7 ATP C . 0.82 -6.52 12.10
C5 ATP C . 2.16 -6.69 12.13
C6 ATP C . 3.15 -6.15 12.96
N6 ATP C . 2.89 -5.46 14.06
N1 ATP C . 4.43 -6.54 12.73
C2 ATP C . 4.76 -7.41 11.73
N3 ATP C . 3.78 -7.93 10.93
C4 ATP C . 2.50 -7.59 11.13
#